data_4U2J
#
_entry.id   4U2J
#
_cell.length_a   40.150
_cell.length_b   97.000
_cell.length_c   142.810
_cell.angle_alpha   90.00
_cell.angle_beta   90.00
_cell.angle_gamma   90.00
#
_symmetry.space_group_name_H-M   'P 21 21 21'
#
loop_
_entity.id
_entity.type
_entity.pdbx_description
1 polymer 'Centriole protein'
2 water water
#
_entity_poly.entity_id   1
_entity_poly.type   'polypeptide(L)'
_entity_poly.pdbx_seq_one_letter_code
;GSMPLLLDDGDPKAQTGFDLSTATTLFWRPVPVHVKQQDREDVLEELTFRILTGVAKQNHNLRILRIHISSDSDLFFLHT
LEVSEEDFQSLKNDEGILVDFASFPGKIISLLEKCILAQPGDSPRFQAVLTIRGGESVFKIVEINDWKQLPHITLAFRPG
N
;
_entity_poly.pdbx_strand_id   A,C,D,B
#
# COMPACT_ATOMS: atom_id res chain seq x y z
N LEU A 20 -4.95 -16.75 13.47
CA LEU A 20 -5.99 -16.14 14.28
C LEU A 20 -6.61 -17.17 15.24
N SER A 21 -6.85 -16.73 16.47
CA SER A 21 -7.49 -17.57 17.48
C SER A 21 -8.89 -17.04 17.78
N THR A 22 -9.84 -17.94 17.99
CA THR A 22 -11.23 -17.59 18.24
C THR A 22 -11.81 -16.78 17.09
N ALA A 23 -11.36 -17.08 15.87
CA ALA A 23 -11.79 -16.35 14.68
C ALA A 23 -13.25 -16.59 14.38
N THR A 24 -14.05 -15.54 14.46
CA THR A 24 -15.49 -15.62 14.21
C THR A 24 -15.83 -15.11 12.80
N THR A 25 -16.59 -15.92 12.06
CA THR A 25 -17.07 -15.50 10.74
C THR A 25 -18.35 -14.70 10.90
N LEU A 26 -18.32 -13.43 10.49
CA LEU A 26 -19.47 -12.55 10.59
C LEU A 26 -20.34 -12.65 9.36
N PHE A 27 -19.71 -12.91 8.23
CA PHE A 27 -20.38 -12.85 6.93
C PHE A 27 -19.79 -13.91 6.02
N TRP A 28 -20.64 -14.70 5.39
CA TRP A 28 -20.20 -15.75 4.48
C TRP A 28 -21.28 -16.00 3.44
N ARG A 29 -21.25 -15.22 2.37
CA ARG A 29 -22.29 -15.25 1.32
C ARG A 29 -21.69 -15.06 -0.07
N PRO A 30 -22.40 -15.52 -1.11
CA PRO A 30 -22.02 -15.14 -2.47
C PRO A 30 -22.38 -13.69 -2.78
N VAL A 31 -21.55 -13.03 -3.57
CA VAL A 31 -21.76 -11.63 -3.95
C VAL A 31 -21.53 -11.48 -5.45
N PRO A 32 -22.47 -10.81 -6.16
CA PRO A 32 -22.20 -10.55 -7.57
C PRO A 32 -21.07 -9.52 -7.73
N VAL A 33 -20.02 -9.87 -8.47
CA VAL A 33 -18.88 -8.99 -8.65
C VAL A 33 -18.52 -8.84 -10.11
N HIS A 34 -18.25 -7.61 -10.54
CA HIS A 34 -17.71 -7.36 -11.86
C HIS A 34 -16.21 -7.53 -11.81
N VAL A 35 -15.73 -8.67 -12.32
CA VAL A 35 -14.32 -9.01 -12.28
C VAL A 35 -13.63 -8.47 -13.52
N LYS A 36 -12.78 -7.47 -13.32
CA LYS A 36 -12.08 -6.81 -14.40
C LYS A 36 -10.60 -7.16 -14.33
N GLN A 37 -9.99 -7.35 -15.49
CA GLN A 37 -8.58 -7.69 -15.54
C GLN A 37 -7.97 -7.29 -16.86
N GLN A 38 -6.67 -7.05 -16.84
CA GLN A 38 -5.93 -6.59 -18.01
C GLN A 38 -6.10 -7.56 -19.18
N ASP A 39 -6.39 -7.02 -20.36
CA ASP A 39 -6.46 -7.79 -21.60
C ASP A 39 -7.59 -8.81 -21.61
N ARG A 40 -8.44 -8.78 -20.58
CA ARG A 40 -9.53 -9.73 -20.45
C ARG A 40 -10.87 -9.01 -20.47
N GLU A 41 -11.91 -9.74 -20.90
CA GLU A 41 -13.26 -9.20 -20.90
C GLU A 41 -13.78 -9.12 -19.47
N ASP A 42 -14.51 -8.05 -19.16
CA ASP A 42 -15.19 -7.94 -17.87
C ASP A 42 -16.21 -9.06 -17.77
N VAL A 43 -16.35 -9.63 -16.58
CA VAL A 43 -17.31 -10.70 -16.36
C VAL A 43 -17.98 -10.56 -15.01
N LEU A 44 -19.29 -10.72 -15.00
CA LEU A 44 -20.08 -10.66 -13.77
C LEU A 44 -20.19 -12.05 -13.18
N GLU A 45 -19.54 -12.25 -12.04
CA GLU A 45 -19.46 -13.56 -11.39
C GLU A 45 -19.97 -13.52 -9.96
N GLU A 46 -20.56 -14.64 -9.53
CA GLU A 46 -20.88 -14.86 -8.14
C GLU A 46 -19.64 -15.33 -7.39
N LEU A 47 -19.04 -14.44 -6.61
CA LEU A 47 -17.87 -14.79 -5.80
C LEU A 47 -18.30 -14.97 -4.35
N THR A 48 -17.63 -15.88 -3.65
CA THR A 48 -17.89 -16.08 -2.23
C THR A 48 -17.03 -15.14 -1.39
N PHE A 49 -17.68 -14.40 -0.50
CA PHE A 49 -16.99 -13.52 0.43
C PHE A 49 -17.11 -14.09 1.83
N ARG A 50 -15.98 -14.20 2.52
CA ARG A 50 -15.96 -14.55 3.93
C ARG A 50 -15.30 -13.43 4.72
N ILE A 51 -16.03 -12.91 5.69
CA ILE A 51 -15.51 -11.85 6.56
C ILE A 51 -15.35 -12.42 7.95
N LEU A 52 -14.11 -12.42 8.45
CA LEU A 52 -13.79 -12.98 9.74
C LEU A 52 -13.17 -11.93 10.65
N THR A 53 -13.38 -12.09 11.94
CA THR A 53 -12.76 -11.23 12.94
C THR A 53 -12.10 -12.13 14.00
N GLY A 54 -10.93 -11.74 14.48
CA GLY A 54 -10.22 -12.54 15.47
C GLY A 54 -9.11 -11.76 16.16
N VAL A 55 -8.46 -12.42 17.13
CA VAL A 55 -7.33 -11.81 17.83
C VAL A 55 -6.06 -12.58 17.52
N ALA A 56 -4.98 -11.84 17.27
CA ALA A 56 -3.72 -12.43 16.84
C ALA A 56 -2.85 -12.77 18.05
N LYS A 57 -2.87 -14.05 18.42
CA LYS A 57 -2.02 -14.59 19.48
C LYS A 57 -0.57 -14.14 19.35
N GLN A 58 -0.02 -14.32 18.17
CA GLN A 58 1.41 -14.09 17.92
C GLN A 58 1.76 -12.61 17.93
N ASN A 59 0.75 -11.74 17.96
CA ASN A 59 0.97 -10.30 17.92
C ASN A 59 0.20 -9.58 19.03
N HIS A 60 0.54 -9.92 20.27
CA HIS A 60 -0.05 -9.38 21.50
C HIS A 60 -1.56 -9.10 21.42
N ASN A 61 -2.29 -10.05 20.85
CA ASN A 61 -3.76 -10.02 20.78
C ASN A 61 -4.31 -8.80 20.01
N LEU A 62 -3.57 -8.36 19.01
CA LEU A 62 -4.12 -7.42 18.04
C LEU A 62 -5.40 -7.99 17.46
N ARG A 63 -6.44 -7.16 17.33
CA ARG A 63 -7.64 -7.58 16.62
C ARG A 63 -7.39 -7.51 15.12
N ILE A 64 -7.83 -8.54 14.40
CA ILE A 64 -7.65 -8.62 12.96
C ILE A 64 -8.99 -8.77 12.24
N LEU A 65 -9.19 -7.98 11.20
CA LEU A 65 -10.31 -8.14 10.29
C LEU A 65 -9.78 -8.83 9.04
N ARG A 66 -10.43 -9.93 8.67
CA ARG A 66 -10.00 -10.70 7.53
C ARG A 66 -11.14 -10.82 6.54
N ILE A 67 -10.87 -10.50 5.27
CA ILE A 67 -11.86 -10.70 4.22
C ILE A 67 -11.26 -11.58 3.15
N HIS A 68 -11.96 -12.65 2.82
CA HIS A 68 -11.47 -13.63 1.87
C HIS A 68 -12.45 -13.80 0.71
N ILE A 69 -11.92 -13.66 -0.51
CA ILE A 69 -12.70 -13.86 -1.72
C ILE A 69 -12.26 -15.13 -2.43
N SER A 70 -13.23 -15.95 -2.82
CA SER A 70 -12.97 -17.21 -3.51
C SER A 70 -14.02 -17.46 -4.58
N SER A 71 -13.79 -18.48 -5.39
CA SER A 71 -14.72 -18.90 -6.43
C SER A 71 -14.92 -20.41 -6.41
N ASP A 72 -16.17 -20.85 -6.33
CA ASP A 72 -16.47 -22.27 -6.27
C ASP A 72 -15.96 -23.03 -7.49
N SER A 73 -15.79 -22.31 -8.60
CA SER A 73 -15.44 -22.92 -9.87
C SER A 73 -13.95 -22.82 -10.20
N ASP A 74 -13.16 -22.25 -9.29
CA ASP A 74 -11.72 -22.11 -9.51
C ASP A 74 -10.98 -22.13 -8.18
N LEU A 75 -10.31 -23.25 -7.90
CA LEU A 75 -9.59 -23.43 -6.65
C LEU A 75 -8.42 -22.46 -6.49
N PHE A 76 -7.94 -21.92 -7.60
CA PHE A 76 -6.79 -21.01 -7.58
C PHE A 76 -7.19 -19.55 -7.48
N PHE A 77 -8.49 -19.27 -7.61
CA PHE A 77 -8.98 -17.90 -7.51
C PHE A 77 -9.13 -17.52 -6.04
N LEU A 78 -8.10 -16.88 -5.51
CA LEU A 78 -8.01 -16.58 -4.09
C LEU A 78 -7.49 -15.17 -3.87
N HIS A 79 -8.20 -14.41 -3.04
CA HIS A 79 -7.82 -13.05 -2.71
C HIS A 79 -8.17 -12.77 -1.25
N THR A 80 -7.22 -12.20 -0.52
CA THR A 80 -7.40 -11.98 0.91
C THR A 80 -6.92 -10.61 1.34
N LEU A 81 -7.70 -10.00 2.23
CA LEU A 81 -7.34 -8.76 2.89
C LEU A 81 -7.28 -9.01 4.38
N GLU A 82 -6.23 -8.52 5.03
CA GLU A 82 -6.17 -8.52 6.49
C GLU A 82 -5.89 -7.11 6.97
N VAL A 83 -6.82 -6.60 7.77
CA VAL A 83 -6.68 -5.29 8.38
C VAL A 83 -6.60 -5.44 9.89
N SER A 84 -5.44 -5.12 10.45
CA SER A 84 -5.29 -5.07 11.90
C SER A 84 -5.79 -3.72 12.39
N GLU A 85 -6.00 -3.60 13.71
CA GLU A 85 -6.36 -2.34 14.32
C GLU A 85 -5.42 -1.20 13.91
N GLU A 86 -4.15 -1.52 13.77
CA GLU A 86 -3.15 -0.51 13.41
C GLU A 86 -3.23 -0.17 11.93
N ASP A 87 -3.48 -1.16 11.08
CA ASP A 87 -3.73 -0.90 9.67
C ASP A 87 -4.92 0.03 9.52
N PHE A 88 -5.92 -0.14 10.39
CA PHE A 88 -7.18 0.57 10.27
C PHE A 88 -7.03 2.08 10.46
N GLN A 89 -6.03 2.48 11.24
CA GLN A 89 -5.80 3.91 11.48
C GLN A 89 -5.42 4.62 10.18
N SER A 90 -4.60 3.98 9.36
CA SER A 90 -4.22 4.54 8.07
C SER A 90 -5.40 4.47 7.09
N LEU A 91 -6.07 3.32 7.07
CA LEU A 91 -7.21 3.12 6.19
C LEU A 91 -8.32 4.14 6.47
N LYS A 92 -8.51 4.44 7.75
CA LYS A 92 -9.55 5.37 8.18
C LYS A 92 -9.33 6.75 7.57
N ASN A 93 -8.09 7.21 7.58
CA ASN A 93 -7.75 8.50 6.98
C ASN A 93 -7.92 8.50 5.47
N ASP A 94 -7.35 7.49 4.81
CA ASP A 94 -7.37 7.43 3.34
C ASP A 94 -8.78 7.31 2.77
N GLU A 95 -9.61 6.50 3.43
CA GLU A 95 -10.98 6.24 2.94
C GLU A 95 -12.01 7.17 3.56
N GLY A 96 -11.60 7.98 4.53
CA GLY A 96 -12.53 8.88 5.19
C GLY A 96 -13.60 8.11 5.97
N ILE A 97 -13.18 7.07 6.67
CA ILE A 97 -14.09 6.25 7.46
C ILE A 97 -14.29 6.91 8.82
N LEU A 98 -15.53 6.96 9.28
CA LEU A 98 -15.89 7.77 10.45
C LEU A 98 -16.24 6.96 11.69
N VAL A 99 -16.26 5.63 11.57
CA VAL A 99 -16.56 4.75 12.70
C VAL A 99 -15.32 4.03 13.18
N ASP A 100 -15.40 3.39 14.35
CA ASP A 100 -14.27 2.66 14.89
C ASP A 100 -14.13 1.31 14.20
N PHE A 101 -13.04 0.62 14.55
CA PHE A 101 -12.70 -0.68 13.96
C PHE A 101 -13.80 -1.71 14.17
N ALA A 102 -14.40 -1.71 15.36
CA ALA A 102 -15.42 -2.69 15.70
C ALA A 102 -16.69 -2.54 14.87
N SER A 103 -16.96 -1.32 14.41
CA SER A 103 -18.19 -1.03 13.65
C SER A 103 -17.99 -1.15 12.14
N PHE A 104 -16.74 -1.27 11.71
CA PHE A 104 -16.40 -1.23 10.29
C PHE A 104 -16.96 -2.41 9.48
N PRO A 105 -16.86 -3.65 10.01
CA PRO A 105 -17.38 -4.79 9.24
C PRO A 105 -18.86 -4.68 8.90
N GLY A 106 -19.66 -4.18 9.83
CA GLY A 106 -21.09 -4.02 9.62
C GLY A 106 -21.41 -3.07 8.47
N LYS A 107 -20.58 -2.05 8.31
CA LYS A 107 -20.77 -1.09 7.22
C LYS A 107 -20.42 -1.75 5.89
N ILE A 108 -19.39 -2.59 5.89
CA ILE A 108 -19.01 -3.33 4.68
C ILE A 108 -20.14 -4.26 4.27
N ILE A 109 -20.72 -4.94 5.25
CA ILE A 109 -21.82 -5.87 5.00
C ILE A 109 -23.01 -5.16 4.37
N SER A 110 -23.35 -3.98 4.87
CA SER A 110 -24.46 -3.22 4.32
C SER A 110 -24.22 -2.86 2.85
N LEU A 111 -22.98 -2.51 2.53
CA LEU A 111 -22.61 -2.18 1.15
C LEU A 111 -22.70 -3.39 0.25
N LEU A 112 -22.24 -4.53 0.76
CA LEU A 112 -22.28 -5.77 0.00
C LEU A 112 -23.73 -6.15 -0.30
N GLU A 113 -24.62 -5.91 0.65
CA GLU A 113 -26.03 -6.23 0.45
C GLU A 113 -26.62 -5.40 -0.68
N LYS A 114 -26.23 -4.13 -0.76
CA LYS A 114 -26.70 -3.25 -1.84
C LYS A 114 -26.26 -3.79 -3.19
N CYS A 115 -25.11 -4.44 -3.23
CA CYS A 115 -24.62 -5.05 -4.46
C CYS A 115 -25.38 -6.32 -4.79
N ILE A 116 -25.70 -7.11 -3.78
CA ILE A 116 -26.50 -8.32 -3.96
C ILE A 116 -27.88 -7.97 -4.51
N LEU A 117 -28.44 -6.86 -4.03
CA LEU A 117 -29.82 -6.50 -4.32
C LEU A 117 -29.96 -5.61 -5.54
N ALA A 118 -28.86 -5.06 -6.02
CA ALA A 118 -28.90 -4.10 -7.12
C ALA A 118 -29.55 -4.70 -8.35
N GLN A 119 -30.41 -3.91 -9.00
CA GLN A 119 -31.07 -4.30 -10.24
C GLN A 119 -30.48 -3.52 -11.42
N PRO A 120 -30.64 -4.05 -12.64
CA PRO A 120 -30.05 -3.37 -13.81
C PRO A 120 -30.67 -2.01 -14.10
N GLY A 121 -31.90 -1.79 -13.65
CA GLY A 121 -32.66 -0.61 -14.04
C GLY A 121 -32.48 0.62 -13.16
N ASP A 122 -32.46 0.41 -11.85
CA ASP A 122 -32.46 1.52 -10.89
C ASP A 122 -31.29 2.49 -11.09
N SER A 123 -31.43 3.68 -10.53
CA SER A 123 -30.41 4.72 -10.64
C SER A 123 -30.46 5.65 -9.44
N PRO A 124 -29.31 5.88 -8.77
CA PRO A 124 -27.99 5.29 -9.02
C PRO A 124 -27.97 3.79 -8.80
N ARG A 125 -26.90 3.13 -9.23
CA ARG A 125 -26.79 1.69 -9.14
C ARG A 125 -25.51 1.28 -8.43
N PHE A 126 -25.63 0.36 -7.48
CA PHE A 126 -24.47 -0.13 -6.73
C PHE A 126 -23.85 -1.35 -7.38
N GLN A 127 -22.54 -1.29 -7.60
CA GLN A 127 -21.78 -2.38 -8.20
C GLN A 127 -20.57 -2.75 -7.35
N ALA A 128 -20.29 -4.06 -7.26
CA ALA A 128 -19.04 -4.54 -6.67
C ALA A 128 -18.06 -4.86 -7.79
N VAL A 129 -16.86 -4.30 -7.69
CA VAL A 129 -15.84 -4.44 -8.72
C VAL A 129 -14.55 -4.97 -8.11
N LEU A 130 -13.94 -5.94 -8.78
CA LEU A 130 -12.65 -6.48 -8.39
C LEU A 130 -11.70 -6.42 -9.58
N THR A 131 -10.77 -5.47 -9.53
CA THR A 131 -9.77 -5.33 -10.59
C THR A 131 -8.50 -6.07 -10.21
N ILE A 132 -8.14 -7.06 -11.03
CA ILE A 132 -6.96 -7.87 -10.77
C ILE A 132 -5.80 -7.39 -11.64
N ARG A 133 -4.61 -7.29 -11.05
CA ARG A 133 -3.44 -6.83 -11.78
C ARG A 133 -2.11 -7.24 -11.14
N GLY A 134 -1.40 -8.14 -11.81
CA GLY A 134 -0.04 -8.51 -11.43
C GLY A 134 0.16 -8.84 -9.96
N GLY A 135 -0.40 -9.96 -9.52
CA GLY A 135 -0.24 -10.42 -8.15
C GLY A 135 -0.77 -9.43 -7.13
N GLU A 136 -1.65 -8.54 -7.57
CA GLU A 136 -2.35 -7.61 -6.67
C GLU A 136 -3.73 -7.32 -7.24
N SER A 137 -4.65 -6.86 -6.39
CA SER A 137 -6.00 -6.53 -6.85
C SER A 137 -6.67 -5.49 -5.98
N VAL A 138 -7.65 -4.80 -6.55
CA VAL A 138 -8.37 -3.73 -5.87
C VAL A 138 -9.87 -3.99 -5.90
N PHE A 139 -10.46 -4.14 -4.71
CA PHE A 139 -11.89 -4.33 -4.58
C PHE A 139 -12.54 -3.00 -4.22
N LYS A 140 -13.63 -2.68 -4.91
CA LYS A 140 -14.36 -1.47 -4.62
C LYS A 140 -15.85 -1.71 -4.80
N ILE A 141 -16.63 -0.92 -4.06
CA ILE A 141 -18.06 -0.87 -4.23
C ILE A 141 -18.38 0.56 -4.64
N VAL A 142 -19.00 0.71 -5.80
CA VAL A 142 -19.24 2.03 -6.37
C VAL A 142 -20.72 2.31 -6.55
N GLU A 143 -21.06 3.58 -6.48
CA GLU A 143 -22.39 4.06 -6.82
C GLU A 143 -22.29 4.88 -8.10
N ILE A 144 -22.95 4.43 -9.14
CA ILE A 144 -22.91 5.08 -10.44
C ILE A 144 -24.17 5.90 -10.65
N ASN A 145 -24.01 7.22 -10.69
CA ASN A 145 -25.13 8.11 -10.99
C ASN A 145 -25.02 8.64 -12.42
N ASP A 146 -25.59 9.80 -12.67
CA ASP A 146 -25.68 10.34 -14.03
C ASP A 146 -24.34 10.82 -14.58
N TRP A 147 -23.39 11.15 -13.70
CA TRP A 147 -22.17 11.81 -14.16
C TRP A 147 -20.87 11.35 -13.49
N LYS A 148 -20.94 10.44 -12.52
CA LYS A 148 -19.70 9.86 -12.00
C LYS A 148 -19.88 8.54 -11.24
N GLN A 149 -18.77 7.82 -11.11
CA GLN A 149 -18.70 6.62 -10.29
C GLN A 149 -18.23 7.01 -8.90
N LEU A 150 -19.12 6.91 -7.93
CA LEU A 150 -18.82 7.27 -6.55
C LEU A 150 -18.37 6.03 -5.77
N PRO A 151 -17.08 5.96 -5.42
CA PRO A 151 -16.63 4.81 -4.63
C PRO A 151 -17.03 4.92 -3.16
N HIS A 152 -17.76 3.93 -2.66
CA HIS A 152 -18.16 3.90 -1.26
C HIS A 152 -17.12 3.19 -0.40
N ILE A 153 -16.31 2.36 -1.03
CA ILE A 153 -15.18 1.73 -0.35
C ILE A 153 -14.20 1.22 -1.40
N THR A 154 -12.92 1.28 -1.06
CA THR A 154 -11.86 0.79 -1.93
C THR A 154 -10.83 0.06 -1.07
N LEU A 155 -10.60 -1.22 -1.38
CA LEU A 155 -9.75 -2.08 -0.57
C LEU A 155 -8.78 -2.86 -1.43
N ALA A 156 -7.54 -2.94 -0.97
CA ALA A 156 -6.51 -3.71 -1.67
C ALA A 156 -6.47 -5.15 -1.16
N PHE A 157 -6.50 -6.10 -2.07
CA PHE A 157 -6.40 -7.52 -1.74
C PHE A 157 -5.11 -8.10 -2.29
N ARG A 158 -4.61 -9.14 -1.61
CA ARG A 158 -3.41 -9.84 -2.06
C ARG A 158 -3.81 -11.26 -2.47
N PRO A 159 -3.04 -11.86 -3.39
CA PRO A 159 -3.38 -13.22 -3.87
C PRO A 159 -3.25 -14.29 -2.78
N GLY A 160 -4.15 -15.26 -2.81
CA GLY A 160 -4.06 -16.40 -1.92
C GLY A 160 -4.88 -16.26 -0.65
N ASN A 161 -4.51 -17.04 0.36
CA ASN A 161 -5.20 -17.06 1.63
C ASN A 161 -4.49 -16.23 2.69
N ALA B 23 24.04 21.59 9.47
CA ALA B 23 23.70 20.34 8.81
C ALA B 23 24.46 20.19 7.50
N THR B 24 25.12 19.04 7.33
CA THR B 24 25.88 18.76 6.13
C THR B 24 25.05 17.93 5.16
N THR B 25 24.92 18.42 3.92
CA THR B 25 24.21 17.67 2.88
C THR B 25 25.17 16.69 2.23
N LEU B 26 24.77 15.42 2.20
CA LEU B 26 25.61 14.35 1.67
C LEU B 26 25.16 13.88 0.30
N PHE B 27 23.97 14.30 -0.12
CA PHE B 27 23.36 13.80 -1.34
C PHE B 27 22.14 14.64 -1.71
N TRP B 28 22.03 15.02 -2.98
CA TRP B 28 20.91 15.84 -3.43
C TRP B 28 20.68 15.67 -4.93
N ARG B 29 20.09 14.54 -5.32
CA ARG B 29 19.83 14.24 -6.73
C ARG B 29 18.42 13.69 -6.92
N PRO B 30 17.89 13.77 -8.15
CA PRO B 30 16.63 13.08 -8.44
C PRO B 30 16.86 11.58 -8.62
N VAL B 31 15.85 10.79 -8.28
CA VAL B 31 15.95 9.34 -8.32
C VAL B 31 14.66 8.75 -8.86
N PRO B 32 14.76 7.82 -9.84
CA PRO B 32 13.54 7.12 -10.28
C PRO B 32 12.94 6.29 -9.15
N VAL B 33 11.68 6.55 -8.81
CA VAL B 33 10.98 5.78 -7.79
C VAL B 33 9.62 5.30 -8.30
N HIS B 34 9.35 4.02 -8.11
CA HIS B 34 8.03 3.47 -8.39
C HIS B 34 7.10 3.80 -7.23
N VAL B 35 6.19 4.74 -7.45
CA VAL B 35 5.30 5.22 -6.40
C VAL B 35 3.98 4.49 -6.43
N LYS B 36 3.58 3.96 -5.29
CA LYS B 36 2.27 3.34 -5.13
C LYS B 36 1.40 4.23 -4.25
N GLN B 37 0.74 5.21 -4.85
CA GLN B 37 -0.14 6.11 -4.13
C GLN B 37 -1.34 5.35 -3.59
N GLN B 38 -1.12 4.60 -2.51
CA GLN B 38 -2.16 3.79 -1.90
C GLN B 38 -2.70 2.78 -2.92
N ASP B 39 -4.02 2.66 -3.01
CA ASP B 39 -4.65 1.69 -3.91
C ASP B 39 -4.49 2.10 -5.37
N ARG B 40 -4.19 3.37 -5.62
CA ARG B 40 -3.99 3.86 -6.98
C ARG B 40 -2.82 3.11 -7.61
N GLU B 41 -2.83 3.01 -8.94
CA GLU B 41 -1.88 2.16 -9.66
C GLU B 41 -0.44 2.66 -9.55
N ASP B 42 0.50 1.73 -9.64
CA ASP B 42 1.92 2.05 -9.56
C ASP B 42 2.38 2.86 -10.76
N VAL B 43 3.08 3.97 -10.49
CA VAL B 43 3.61 4.83 -11.54
C VAL B 43 5.05 5.25 -11.25
N LEU B 44 5.87 5.32 -12.30
CA LEU B 44 7.27 5.72 -12.15
C LEU B 44 7.41 7.23 -12.19
N GLU B 45 8.16 7.77 -11.23
CA GLU B 45 8.36 9.22 -11.13
C GLU B 45 9.77 9.57 -10.65
N GLU B 46 10.28 10.69 -11.15
CA GLU B 46 11.54 11.24 -10.69
C GLU B 46 11.31 12.04 -9.41
N LEU B 47 11.81 11.53 -8.28
CA LEU B 47 11.65 12.20 -7.00
C LEU B 47 13.00 12.71 -6.50
N THR B 48 12.98 13.89 -5.89
CA THR B 48 14.19 14.47 -5.34
C THR B 48 14.49 13.90 -3.96
N PHE B 49 15.67 13.29 -3.84
CA PHE B 49 16.15 12.79 -2.55
C PHE B 49 17.23 13.73 -2.01
N ARG B 50 17.11 14.07 -0.74
CA ARG B 50 18.16 14.84 -0.06
C ARG B 50 18.50 14.19 1.27
N ILE B 51 19.77 13.90 1.46
CA ILE B 51 20.26 13.28 2.69
C ILE B 51 21.15 14.25 3.45
N LEU B 52 20.81 14.50 4.71
CA LEU B 52 21.57 15.43 5.55
C LEU B 52 21.95 14.78 6.88
N THR B 53 23.03 15.28 7.47
CA THR B 53 23.49 14.80 8.77
C THR B 53 23.74 15.97 9.71
N GLY B 54 23.66 15.70 11.01
CA GLY B 54 23.85 16.73 12.01
C GLY B 54 23.49 16.22 13.39
N VAL B 55 22.85 17.08 14.18
CA VAL B 55 22.43 16.73 15.53
C VAL B 55 20.94 16.98 15.70
N ALA B 56 20.32 16.28 16.65
CA ALA B 56 18.89 16.40 16.88
C ALA B 56 18.54 17.82 17.31
N LYS B 57 17.38 18.29 16.87
CA LYS B 57 16.94 19.64 17.15
C LYS B 57 16.77 19.88 18.65
N GLN B 58 16.15 18.91 19.32
CA GLN B 58 15.86 19.03 20.75
C GLN B 58 16.97 18.45 21.62
N ASN B 59 18.09 18.07 21.00
CA ASN B 59 19.21 17.47 21.73
C ASN B 59 20.48 17.46 20.90
N HIS B 60 21.37 18.42 21.17
CA HIS B 60 22.60 18.55 20.40
C HIS B 60 23.62 17.45 20.72
N ASN B 61 23.28 16.59 21.68
CA ASN B 61 24.14 15.45 22.01
C ASN B 61 23.92 14.28 21.05
N LEU B 62 22.68 14.10 20.60
CA LEU B 62 22.33 13.01 19.70
C LEU B 62 22.58 13.37 18.24
N ARG B 63 23.43 12.59 17.58
CA ARG B 63 23.68 12.75 16.16
C ARG B 63 22.55 12.11 15.36
N ILE B 64 22.14 12.75 14.27
CA ILE B 64 21.02 12.26 13.48
C ILE B 64 21.33 12.21 11.99
N LEU B 65 20.67 11.27 11.32
CA LEU B 65 20.64 11.20 9.87
C LEU B 65 19.24 11.58 9.41
N ARG B 66 19.15 12.42 8.39
CA ARG B 66 17.86 12.91 7.91
C ARG B 66 17.74 12.73 6.40
N ILE B 67 16.60 12.20 5.96
CA ILE B 67 16.35 11.98 4.54
C ILE B 67 15.01 12.59 4.12
N HIS B 68 15.07 13.46 3.11
CA HIS B 68 13.88 14.11 2.56
C HIS B 68 13.58 13.62 1.15
N ILE B 69 12.38 13.10 0.95
CA ILE B 69 11.89 12.77 -0.39
C ILE B 69 10.85 13.81 -0.78
N SER B 70 11.01 14.41 -1.95
CA SER B 70 10.11 15.46 -2.40
C SER B 70 9.87 15.41 -3.89
N SER B 71 8.89 16.18 -4.34
CA SER B 71 8.57 16.31 -5.76
C SER B 71 8.75 17.75 -6.20
N ASP B 72 9.51 17.95 -7.28
CA ASP B 72 9.74 19.29 -7.80
C ASP B 72 8.49 19.84 -8.46
N SER B 73 7.47 19.00 -8.59
CA SER B 73 6.19 19.38 -9.18
C SER B 73 5.14 19.63 -8.11
N ASP B 74 5.08 18.73 -7.12
CA ASP B 74 4.08 18.78 -6.07
C ASP B 74 4.69 19.30 -4.77
N LEU B 75 4.16 20.43 -4.29
CA LEU B 75 4.67 21.07 -3.08
C LEU B 75 4.32 20.27 -1.83
N PHE B 76 3.24 19.49 -1.89
CA PHE B 76 2.75 18.76 -0.73
C PHE B 76 3.19 17.30 -0.72
N PHE B 77 3.91 16.88 -1.76
CA PHE B 77 4.52 15.55 -1.76
C PHE B 77 5.79 15.61 -0.91
N LEU B 78 5.63 15.43 0.41
CA LEU B 78 6.73 15.54 1.35
C LEU B 78 6.81 14.32 2.26
N HIS B 79 7.97 13.69 2.29
CA HIS B 79 8.20 12.50 3.09
C HIS B 79 9.57 12.57 3.76
N THR B 80 9.60 12.43 5.07
CA THR B 80 10.83 12.59 5.83
C THR B 80 11.17 11.38 6.68
N LEU B 81 12.46 11.15 6.86
CA LEU B 81 12.96 10.11 7.76
C LEU B 81 14.05 10.73 8.64
N GLU B 82 14.03 10.43 9.92
CA GLU B 82 15.07 10.87 10.83
C GLU B 82 15.51 9.71 11.72
N VAL B 83 16.81 9.44 11.70
CA VAL B 83 17.40 8.34 12.47
C VAL B 83 18.51 8.86 13.35
N SER B 84 18.37 8.67 14.65
CA SER B 84 19.42 9.02 15.60
C SER B 84 20.32 7.82 15.82
N GLU B 85 21.46 8.04 16.47
CA GLU B 85 22.38 6.97 16.79
C GLU B 85 21.71 5.92 17.65
N GLU B 86 20.70 6.33 18.40
CA GLU B 86 19.92 5.41 19.21
C GLU B 86 18.94 4.61 18.36
N ASP B 87 18.30 5.28 17.40
CA ASP B 87 17.34 4.62 16.52
C ASP B 87 18.04 3.61 15.61
N PHE B 88 19.30 3.86 15.29
CA PHE B 88 20.03 3.01 14.36
C PHE B 88 20.23 1.62 14.93
N GLN B 89 20.37 1.53 16.25
CA GLN B 89 20.64 0.25 16.90
C GLN B 89 19.52 -0.76 16.61
N SER B 90 18.28 -0.32 16.72
CA SER B 90 17.14 -1.20 16.43
C SER B 90 17.01 -1.45 14.94
N LEU B 91 17.26 -0.42 14.13
CA LEU B 91 17.20 -0.55 12.68
C LEU B 91 18.26 -1.51 12.18
N LYS B 92 19.47 -1.38 12.72
CA LYS B 92 20.59 -2.24 12.38
C LYS B 92 20.23 -3.71 12.57
N ASN B 93 19.59 -4.03 13.70
CA ASN B 93 19.17 -5.39 13.98
C ASN B 93 18.07 -5.86 13.03
N ASP B 94 17.09 -5.00 12.79
CA ASP B 94 15.96 -5.35 11.92
C ASP B 94 16.41 -5.57 10.48
N GLU B 95 17.31 -4.73 10.00
CA GLU B 95 17.76 -4.79 8.61
C GLU B 95 19.04 -5.59 8.45
N GLY B 96 19.55 -6.15 9.55
CA GLY B 96 20.75 -6.97 9.52
C GLY B 96 21.96 -6.23 8.97
N ILE B 97 22.09 -4.96 9.32
CA ILE B 97 23.20 -4.14 8.88
C ILE B 97 24.45 -4.47 9.72
N LEU B 98 25.60 -4.57 9.05
CA LEU B 98 26.83 -5.01 9.71
C LEU B 98 27.87 -3.91 9.88
N VAL B 99 27.53 -2.68 9.46
CA VAL B 99 28.44 -1.54 9.61
C VAL B 99 27.86 -0.55 10.62
N ASP B 100 28.67 0.42 11.03
CA ASP B 100 28.25 1.38 12.04
C ASP B 100 27.37 2.49 11.46
N PHE B 101 26.82 3.29 12.36
CA PHE B 101 25.93 4.39 12.01
C PHE B 101 26.59 5.36 11.01
N ALA B 102 27.89 5.58 11.17
CA ALA B 102 28.62 6.50 10.32
C ALA B 102 28.67 6.04 8.86
N SER B 103 28.79 4.73 8.66
CA SER B 103 28.90 4.15 7.32
C SER B 103 27.55 4.04 6.61
N PHE B 104 26.47 4.22 7.35
CA PHE B 104 25.13 3.92 6.85
C PHE B 104 24.73 4.78 5.64
N PRO B 105 24.85 6.12 5.75
CA PRO B 105 24.41 6.97 4.64
C PRO B 105 25.10 6.69 3.31
N GLY B 106 26.39 6.33 3.36
CA GLY B 106 27.15 6.03 2.16
C GLY B 106 26.60 4.83 1.41
N LYS B 107 26.08 3.87 2.17
N LYS B 107 26.07 3.87 2.16
CA LYS B 107 25.50 2.67 1.57
CA LYS B 107 25.50 2.67 1.57
C LYS B 107 24.14 2.97 0.94
C LYS B 107 24.15 2.97 0.93
N ILE B 108 23.38 3.85 1.58
CA ILE B 108 22.10 4.28 1.02
C ILE B 108 22.34 5.02 -0.29
N ILE B 109 23.35 5.87 -0.31
CA ILE B 109 23.72 6.61 -1.50
C ILE B 109 24.08 5.64 -2.61
N SER B 110 24.93 4.67 -2.30
CA SER B 110 25.32 3.64 -3.26
C SER B 110 24.09 2.99 -3.88
N LEU B 111 23.14 2.60 -3.03
CA LEU B 111 21.90 1.98 -3.50
C LEU B 111 21.09 2.93 -4.38
N LEU B 112 20.96 4.18 -3.96
CA LEU B 112 20.23 5.18 -4.74
C LEU B 112 20.90 5.42 -6.09
N GLU B 113 22.22 5.32 -6.13
CA GLU B 113 22.96 5.49 -7.38
C GLU B 113 22.69 4.34 -8.33
N LYS B 114 22.61 3.12 -7.81
CA LYS B 114 22.27 1.96 -8.63
C LYS B 114 20.89 2.12 -9.26
N CYS B 115 19.97 2.75 -8.52
CA CYS B 115 18.62 2.99 -9.03
C CYS B 115 18.64 4.00 -10.17
N ILE B 116 19.46 5.03 -10.04
CA ILE B 116 19.57 6.08 -11.05
C ILE B 116 20.13 5.51 -12.35
N LEU B 117 21.12 4.63 -12.24
CA LEU B 117 21.81 4.12 -13.42
C LEU B 117 21.11 2.91 -14.02
N ALA B 118 20.10 2.38 -13.32
CA ALA B 118 19.41 1.19 -13.78
C ALA B 118 18.73 1.42 -15.13
N GLN B 119 18.75 0.39 -15.97
CA GLN B 119 18.12 0.45 -17.29
C GLN B 119 17.19 -0.74 -17.46
N PRO B 120 16.08 -0.55 -18.20
CA PRO B 120 15.22 -1.70 -18.45
C PRO B 120 15.92 -2.74 -19.31
N GLY B 121 16.08 -3.95 -18.79
CA GLY B 121 16.70 -5.04 -19.54
C GLY B 121 17.87 -5.68 -18.83
N ASP B 122 18.66 -4.89 -18.11
CA ASP B 122 19.82 -5.41 -17.42
C ASP B 122 19.39 -6.34 -16.29
N SER B 123 20.26 -7.26 -15.93
CA SER B 123 19.99 -8.22 -14.87
C SER B 123 21.26 -8.51 -14.07
N PRO B 124 21.21 -8.40 -12.74
CA PRO B 124 20.05 -7.99 -11.94
C PRO B 124 19.73 -6.51 -12.14
N ARG B 125 18.56 -6.07 -11.67
CA ARG B 125 18.13 -4.69 -11.81
C ARG B 125 17.72 -4.13 -10.46
N PHE B 126 18.15 -2.89 -10.18
CA PHE B 126 17.80 -2.21 -8.95
C PHE B 126 16.71 -1.18 -9.21
N GLN B 127 15.72 -1.14 -8.33
CA GLN B 127 14.69 -0.12 -8.41
C GLN B 127 14.27 0.30 -7.01
N ALA B 128 13.75 1.52 -6.91
CA ALA B 128 13.29 2.08 -5.65
C ALA B 128 11.77 2.10 -5.65
N VAL B 129 11.19 1.79 -4.50
CA VAL B 129 9.73 1.75 -4.36
C VAL B 129 9.31 2.55 -3.13
N LEU B 130 8.25 3.35 -3.29
CA LEU B 130 7.66 4.11 -2.20
C LEU B 130 6.17 3.81 -2.11
N THR B 131 5.77 3.13 -1.04
CA THR B 131 4.38 2.74 -0.83
C THR B 131 3.73 3.63 0.22
N ILE B 132 2.82 4.48 -0.23
CA ILE B 132 2.18 5.47 0.64
C ILE B 132 0.81 4.98 1.12
N ARG B 133 0.54 5.19 2.40
CA ARG B 133 -0.81 4.94 2.95
C ARG B 133 -0.96 5.68 4.27
N GLY B 134 -2.05 6.44 4.39
CA GLY B 134 -2.33 7.19 5.60
C GLY B 134 -1.25 8.21 5.92
N GLY B 135 -0.84 8.24 7.18
CA GLY B 135 0.19 9.15 7.64
C GLY B 135 1.56 8.48 7.74
N GLU B 136 1.80 7.52 6.86
CA GLU B 136 3.08 6.81 6.83
C GLU B 136 3.39 6.33 5.42
N SER B 137 4.66 6.03 5.17
CA SER B 137 5.08 5.46 3.89
C SER B 137 6.29 4.55 4.08
N VAL B 138 6.40 3.55 3.22
CA VAL B 138 7.48 2.60 3.26
C VAL B 138 8.36 2.75 2.02
N PHE B 139 9.64 2.98 2.24
CA PHE B 139 10.60 3.12 1.15
C PHE B 139 11.55 1.92 1.14
N LYS B 140 11.71 1.32 -0.03
CA LYS B 140 12.62 0.20 -0.17
C LYS B 140 13.33 0.21 -1.51
N ILE B 141 14.57 -0.27 -1.50
CA ILE B 141 15.31 -0.50 -2.73
C ILE B 141 15.48 -1.99 -2.86
N VAL B 142 15.06 -2.53 -4.00
CA VAL B 142 15.07 -3.96 -4.24
C VAL B 142 15.95 -4.33 -5.42
N GLU B 143 16.61 -5.49 -5.31
CA GLU B 143 17.37 -6.05 -6.42
C GLU B 143 16.55 -7.17 -7.05
N ILE B 144 16.19 -6.99 -8.31
CA ILE B 144 15.38 -7.97 -9.03
C ILE B 144 16.28 -8.85 -9.88
N ASN B 145 16.41 -10.13 -9.51
CA ASN B 145 17.17 -11.07 -10.31
C ASN B 145 16.22 -12.00 -11.07
N ASP B 146 16.72 -13.17 -11.46
CA ASP B 146 15.96 -14.07 -12.32
C ASP B 146 14.76 -14.71 -11.64
N TRP B 147 14.72 -14.72 -10.31
CA TRP B 147 13.66 -15.43 -9.60
C TRP B 147 13.12 -14.73 -8.36
N LYS B 148 13.72 -13.60 -8.00
CA LYS B 148 13.44 -12.98 -6.70
C LYS B 148 13.59 -11.46 -6.71
N GLN B 149 12.82 -10.79 -5.86
CA GLN B 149 13.05 -9.40 -5.52
C GLN B 149 13.75 -9.33 -4.16
N LEU B 150 15.04 -9.01 -4.17
CA LEU B 150 15.82 -8.93 -2.95
C LEU B 150 15.77 -7.52 -2.34
N PRO B 151 15.12 -7.36 -1.19
CA PRO B 151 15.17 -6.04 -0.53
C PRO B 151 16.53 -5.75 0.08
N HIS B 152 17.19 -4.69 -0.35
CA HIS B 152 18.49 -4.31 0.20
C HIS B 152 18.31 -3.39 1.41
N ILE B 153 17.24 -2.60 1.41
CA ILE B 153 16.92 -1.75 2.54
C ILE B 153 15.44 -1.42 2.56
N THR B 154 14.87 -1.36 3.75
CA THR B 154 13.48 -0.95 3.96
C THR B 154 13.45 0.12 5.03
N LEU B 155 12.77 1.24 4.75
CA LEU B 155 12.76 2.38 5.65
C LEU B 155 11.36 3.00 5.76
N ALA B 156 10.97 3.35 6.99
CA ALA B 156 9.68 3.97 7.24
C ALA B 156 9.79 5.49 7.18
N PHE B 157 9.03 6.11 6.27
CA PHE B 157 9.00 7.57 6.16
C PHE B 157 7.68 8.11 6.68
N ARG B 158 7.68 9.37 7.12
CA ARG B 158 6.48 10.02 7.61
C ARG B 158 6.24 11.31 6.82
N PRO B 159 4.97 11.72 6.67
CA PRO B 159 4.68 12.96 5.93
C PRO B 159 5.22 14.19 6.65
N GLY B 160 5.90 15.06 5.91
CA GLY B 160 6.49 16.27 6.48
C GLY B 160 5.47 17.37 6.64
N LEU C 20 -0.28 -39.02 1.01
CA LEU C 20 0.50 -38.28 0.03
C LEU C 20 1.11 -39.23 -0.99
N SER C 21 0.58 -39.18 -2.21
CA SER C 21 1.01 -40.07 -3.28
C SER C 21 1.90 -39.34 -4.29
N THR C 22 2.56 -40.11 -5.15
CA THR C 22 3.43 -39.55 -6.19
C THR C 22 4.50 -38.67 -5.56
N ALA C 23 5.08 -39.15 -4.47
CA ALA C 23 6.02 -38.36 -3.68
C ALA C 23 7.46 -38.51 -4.15
N THR C 24 8.21 -37.41 -4.08
CA THR C 24 9.63 -37.42 -4.38
C THR C 24 10.37 -36.55 -3.37
N THR C 25 11.43 -37.09 -2.78
CA THR C 25 12.29 -36.33 -1.88
C THR C 25 13.34 -35.61 -2.72
N LEU C 26 13.32 -34.29 -2.70
CA LEU C 26 14.17 -33.47 -3.56
C LEU C 26 15.48 -33.11 -2.89
N PHE C 27 15.52 -33.25 -1.57
CA PHE C 27 16.64 -32.79 -0.78
C PHE C 27 16.61 -33.48 0.58
N TRP C 28 17.79 -33.88 1.05
CA TRP C 28 17.91 -34.56 2.33
C TRP C 28 19.37 -34.60 2.75
N ARG C 29 19.79 -33.58 3.50
CA ARG C 29 21.15 -33.53 4.05
C ARG C 29 21.26 -32.45 5.13
N PRO C 30 22.32 -32.53 5.96
CA PRO C 30 22.53 -31.52 6.99
C PRO C 30 23.07 -30.21 6.42
N VAL C 31 22.62 -29.10 7.03
CA VAL C 31 23.07 -27.78 6.63
C VAL C 31 23.49 -27.02 7.90
N PRO C 32 24.64 -26.33 7.83
CA PRO C 32 25.03 -25.51 9.00
C PRO C 32 24.07 -24.35 9.18
N VAL C 33 23.54 -24.19 10.39
CA VAL C 33 22.57 -23.13 10.67
C VAL C 33 22.99 -22.35 11.90
N HIS C 34 22.88 -21.03 11.80
CA HIS C 34 23.04 -20.15 12.94
C HIS C 34 21.70 -19.98 13.63
N VAL C 35 21.54 -20.65 14.77
CA VAL C 35 20.30 -20.59 15.52
C VAL C 35 20.40 -19.44 16.50
N LYS C 36 19.71 -18.34 16.20
CA LYS C 36 19.75 -17.16 17.04
C LYS C 36 19.21 -17.49 18.42
N GLN C 37 20.05 -17.29 19.43
CA GLN C 37 19.63 -17.52 20.80
C GLN C 37 18.93 -16.29 21.34
N GLN C 38 18.48 -16.40 22.59
CA GLN C 38 17.68 -15.35 23.22
C GLN C 38 18.39 -14.00 23.25
N ASP C 39 19.64 -14.00 23.66
CA ASP C 39 20.44 -12.78 23.73
C ASP C 39 21.92 -13.15 23.63
N ARG C 40 22.26 -14.33 24.14
CA ARG C 40 23.60 -14.89 24.02
C ARG C 40 23.94 -15.11 22.56
N GLU C 41 25.22 -15.36 22.28
CA GLU C 41 25.68 -15.53 20.91
C GLU C 41 24.97 -16.68 20.22
N ASP C 42 24.97 -16.65 18.89
CA ASP C 42 24.40 -17.74 18.09
C ASP C 42 25.03 -19.07 18.44
N VAL C 43 24.25 -20.15 18.38
CA VAL C 43 24.81 -21.47 18.36
C VAL C 43 24.83 -21.94 16.91
N LEU C 44 26.01 -22.34 16.46
CA LEU C 44 26.15 -22.98 15.16
C LEU C 44 25.79 -24.45 15.33
N GLU C 45 24.81 -24.91 14.56
CA GLU C 45 24.29 -26.25 14.71
C GLU C 45 23.92 -26.83 13.36
N GLU C 46 24.22 -28.12 13.17
CA GLU C 46 23.88 -28.80 11.94
C GLU C 46 22.45 -29.31 12.02
N LEU C 47 21.62 -28.86 11.09
CA LEU C 47 20.22 -29.26 11.01
C LEU C 47 19.95 -29.98 9.71
N THR C 48 19.18 -31.05 9.77
CA THR C 48 18.79 -31.76 8.57
C THR C 48 17.63 -31.03 7.92
N PHE C 49 17.78 -30.75 6.63
CA PHE C 49 16.70 -30.25 5.80
C PHE C 49 16.23 -31.35 4.88
N ARG C 50 14.93 -31.62 4.91
CA ARG C 50 14.32 -32.53 3.96
C ARG C 50 13.25 -31.79 3.18
N ILE C 51 13.32 -31.88 1.86
CA ILE C 51 12.34 -31.27 0.98
C ILE C 51 11.63 -32.36 0.19
N LEU C 52 10.32 -32.42 0.39
CA LEU C 52 9.47 -33.43 -0.21
C LEU C 52 8.38 -32.77 -1.05
N THR C 53 8.11 -33.33 -2.22
CA THR C 53 7.01 -32.86 -3.05
C THR C 53 6.11 -34.04 -3.40
N GLY C 54 4.80 -33.82 -3.43
CA GLY C 54 3.85 -34.89 -3.72
C GLY C 54 2.47 -34.36 -4.07
N VAL C 55 1.51 -35.29 -4.15
CA VAL C 55 0.14 -34.96 -4.51
C VAL C 55 -0.84 -35.43 -3.44
N ALA C 56 -1.77 -34.56 -3.09
CA ALA C 56 -2.81 -34.90 -2.10
C ALA C 56 -4.12 -35.26 -2.80
N LYS C 57 -4.45 -36.55 -2.80
CA LYS C 57 -5.73 -37.02 -3.33
C LYS C 57 -6.87 -36.41 -2.53
N GLN C 58 -6.61 -36.11 -1.26
CA GLN C 58 -7.60 -35.56 -0.36
C GLN C 58 -7.86 -34.07 -0.62
N ASN C 59 -7.12 -33.50 -1.57
CA ASN C 59 -7.25 -32.09 -1.88
C ASN C 59 -7.22 -31.85 -3.39
N HIS C 60 -8.14 -32.48 -4.10
CA HIS C 60 -8.34 -32.24 -5.53
C HIS C 60 -7.08 -32.52 -6.35
N ASN C 61 -6.27 -33.47 -5.90
CA ASN C 61 -5.02 -33.83 -6.56
C ASN C 61 -4.07 -32.65 -6.73
N LEU C 62 -4.16 -31.69 -5.82
CA LEU C 62 -3.26 -30.55 -5.83
C LEU C 62 -1.93 -30.95 -5.20
N ARG C 63 -0.84 -30.42 -5.73
CA ARG C 63 0.49 -30.74 -5.23
C ARG C 63 0.78 -30.05 -3.92
N ILE C 64 1.67 -30.65 -3.14
CA ILE C 64 2.11 -30.09 -1.87
C ILE C 64 3.61 -30.17 -1.75
N LEU C 65 4.20 -29.08 -1.29
CA LEU C 65 5.62 -29.04 -0.95
C LEU C 65 5.75 -29.08 0.56
N ARG C 66 6.64 -29.93 1.05
CA ARG C 66 6.85 -30.07 2.49
C ARG C 66 8.33 -29.96 2.81
N ILE C 67 8.68 -29.04 3.70
CA ILE C 67 10.07 -28.85 4.13
C ILE C 67 10.18 -29.12 5.63
N HIS C 68 10.98 -30.13 5.98
CA HIS C 68 11.25 -30.48 7.37
C HIS C 68 12.62 -30.01 7.80
N ILE C 69 12.67 -29.31 8.93
CA ILE C 69 13.94 -28.98 9.60
C ILE C 69 14.01 -29.75 10.92
N SER C 70 15.09 -30.49 11.10
CA SER C 70 15.28 -31.25 12.33
C SER C 70 16.73 -31.22 12.80
N SER C 71 16.92 -31.26 14.12
CA SER C 71 18.25 -31.31 14.70
C SER C 71 18.80 -32.73 14.61
N ASP C 72 20.12 -32.84 14.63
CA ASP C 72 20.79 -34.11 14.31
C ASP C 72 21.19 -34.89 15.54
N SER C 73 20.21 -35.44 16.23
CA SER C 73 20.46 -36.26 17.40
C SER C 73 19.29 -37.20 17.61
N ASP C 74 19.42 -38.14 18.55
CA ASP C 74 18.35 -39.08 18.84
C ASP C 74 17.22 -38.41 19.62
N LEU C 75 17.55 -37.30 20.28
CA LEU C 75 16.55 -36.36 20.79
C LEU C 75 16.58 -35.13 19.89
N PHE C 76 15.48 -34.86 19.20
CA PHE C 76 15.47 -33.85 18.15
C PHE C 76 14.18 -33.06 18.10
N PHE C 77 14.27 -31.82 17.64
CA PHE C 77 13.09 -31.04 17.31
C PHE C 77 12.82 -31.15 15.82
N LEU C 78 11.57 -30.93 15.44
CA LEU C 78 11.15 -31.00 14.05
C LEU C 78 10.19 -29.86 13.76
N HIS C 79 10.60 -29.00 12.85
CA HIS C 79 9.77 -27.90 12.38
C HIS C 79 9.45 -28.09 10.90
N THR C 80 8.22 -27.74 10.53
CA THR C 80 7.74 -28.02 9.18
C THR C 80 7.10 -26.82 8.52
N LEU C 81 7.39 -26.66 7.24
CA LEU C 81 6.65 -25.76 6.37
C LEU C 81 5.97 -26.58 5.29
N GLU C 82 4.67 -26.37 5.13
CA GLU C 82 3.87 -27.08 4.14
C GLU C 82 3.11 -26.08 3.29
N VAL C 83 3.26 -26.20 1.97
CA VAL C 83 2.62 -25.28 1.03
C VAL C 83 1.94 -26.06 -0.09
N SER C 84 0.60 -26.02 -0.10
CA SER C 84 -0.18 -26.58 -1.20
C SER C 84 -0.08 -25.60 -2.36
N GLU C 85 -0.15 -26.08 -3.60
CA GLU C 85 0.21 -25.24 -4.74
C GLU C 85 -0.75 -24.06 -4.93
N GLU C 86 -1.99 -24.18 -4.46
CA GLU C 86 -2.96 -23.09 -4.60
C GLU C 86 -2.68 -21.98 -3.59
N ASP C 87 -1.91 -22.30 -2.55
CA ASP C 87 -1.53 -21.35 -1.51
C ASP C 87 -0.17 -20.70 -1.78
N PHE C 88 0.51 -21.15 -2.83
CA PHE C 88 1.86 -20.67 -3.10
C PHE C 88 1.86 -19.21 -3.52
N GLN C 89 0.77 -18.78 -4.13
CA GLN C 89 0.67 -17.41 -4.62
C GLN C 89 0.77 -16.39 -3.48
N SER C 90 0.37 -16.78 -2.27
CA SER C 90 0.50 -15.89 -1.12
C SER C 90 1.96 -15.76 -0.68
N LEU C 91 2.68 -16.87 -0.71
CA LEU C 91 4.11 -16.86 -0.42
C LEU C 91 4.87 -16.11 -1.52
N LYS C 92 4.46 -16.35 -2.76
CA LYS C 92 5.04 -15.70 -3.92
C LYS C 92 4.97 -14.18 -3.79
N ASN C 93 3.82 -13.68 -3.36
CA ASN C 93 3.61 -12.25 -3.21
C ASN C 93 4.39 -11.68 -2.02
N ASP C 94 4.34 -12.39 -0.90
CA ASP C 94 5.01 -11.94 0.32
C ASP C 94 6.52 -11.83 0.15
N GLU C 95 7.11 -12.78 -0.58
CA GLU C 95 8.56 -12.85 -0.70
C GLU C 95 9.08 -12.33 -2.04
N GLY C 96 8.18 -11.81 -2.87
CA GLY C 96 8.57 -11.26 -4.15
C GLY C 96 9.24 -12.28 -5.05
N ILE C 97 8.70 -13.50 -5.03
CA ILE C 97 9.20 -14.59 -5.85
C ILE C 97 8.62 -14.49 -7.27
N LEU C 98 9.49 -14.58 -8.27
CA LEU C 98 9.09 -14.37 -9.65
C LEU C 98 8.93 -15.67 -10.44
N VAL C 99 9.13 -16.80 -9.77
CA VAL C 99 8.95 -18.12 -10.38
C VAL C 99 7.73 -18.80 -9.78
N ASP C 100 7.30 -19.89 -10.40
CA ASP C 100 6.10 -20.59 -9.96
C ASP C 100 6.41 -21.63 -8.89
N PHE C 101 5.35 -22.34 -8.48
CA PHE C 101 5.42 -23.36 -7.45
C PHE C 101 6.42 -24.46 -7.81
N ALA C 102 6.33 -24.97 -9.04
CA ALA C 102 7.17 -26.08 -9.47
C ALA C 102 8.65 -25.72 -9.47
N SER C 103 8.96 -24.46 -9.77
CA SER C 103 10.33 -23.99 -9.91
C SER C 103 10.95 -23.50 -8.58
N PHE C 104 10.14 -23.44 -7.53
CA PHE C 104 10.58 -22.89 -6.25
C PHE C 104 11.63 -23.76 -5.52
N PRO C 105 11.38 -25.08 -5.41
CA PRO C 105 12.34 -25.93 -4.68
C PRO C 105 13.77 -25.87 -5.22
N GLY C 106 13.92 -25.71 -6.53
CA GLY C 106 15.24 -25.63 -7.13
C GLY C 106 16.04 -24.43 -6.65
N LYS C 107 15.35 -23.32 -6.42
CA LYS C 107 16.00 -22.10 -5.97
C LYS C 107 16.44 -22.21 -4.51
N ILE C 108 15.57 -22.79 -3.69
CA ILE C 108 15.90 -23.03 -2.28
C ILE C 108 17.07 -23.99 -2.16
N ILE C 109 17.03 -25.07 -2.93
CA ILE C 109 18.10 -26.07 -2.89
C ILE C 109 19.42 -25.40 -3.28
N SER C 110 19.38 -24.54 -4.30
CA SER C 110 20.56 -23.82 -4.72
C SER C 110 21.15 -23.01 -3.56
N LEU C 111 20.27 -22.31 -2.85
CA LEU C 111 20.69 -21.49 -1.72
C LEU C 111 21.22 -22.35 -0.58
N LEU C 112 20.58 -23.48 -0.33
CA LEU C 112 21.02 -24.37 0.75
C LEU C 112 22.42 -24.94 0.46
N GLU C 113 22.69 -25.25 -0.81
CA GLU C 113 23.99 -25.77 -1.21
C GLU C 113 25.10 -24.73 -0.99
N LYS C 114 24.79 -23.47 -1.24
CA LYS C 114 25.75 -22.39 -1.02
C LYS C 114 26.10 -22.25 0.48
N CYS C 115 25.12 -22.47 1.36
CA CYS C 115 25.38 -22.41 2.79
C CYS C 115 26.32 -23.54 3.22
N ILE C 116 26.12 -24.72 2.65
CA ILE C 116 26.95 -25.87 2.96
C ILE C 116 28.40 -25.61 2.56
N LEU C 117 28.59 -24.98 1.41
CA LEU C 117 29.92 -24.76 0.85
C LEU C 117 30.67 -23.60 1.49
N ALA C 118 29.93 -22.66 2.08
CA ALA C 118 30.50 -21.42 2.59
C ALA C 118 31.57 -21.68 3.66
N GLN C 119 32.76 -21.15 3.41
CA GLN C 119 33.86 -21.19 4.36
C GLN C 119 34.11 -19.79 4.95
N PRO C 120 34.74 -19.72 6.13
CA PRO C 120 34.98 -18.43 6.78
C PRO C 120 35.81 -17.46 5.94
N GLY C 121 36.49 -17.98 4.91
CA GLY C 121 37.34 -17.16 4.07
C GLY C 121 36.60 -16.52 2.91
N ASP C 122 35.90 -17.34 2.13
CA ASP C 122 35.23 -16.87 0.92
C ASP C 122 34.12 -15.89 1.25
N SER C 123 33.91 -14.92 0.36
CA SER C 123 32.81 -13.97 0.48
C SER C 123 32.48 -13.38 -0.88
N PRO C 124 31.22 -12.95 -1.10
CA PRO C 124 30.10 -12.97 -0.14
C PRO C 124 29.60 -14.38 0.16
N ARG C 125 29.67 -14.77 1.43
CA ARG C 125 29.27 -16.10 1.84
C ARG C 125 27.77 -16.14 2.11
N PHE C 126 27.20 -17.33 2.00
CA PHE C 126 25.79 -17.53 2.32
C PHE C 126 25.67 -18.25 3.65
N GLN C 127 24.70 -17.83 4.46
CA GLN C 127 24.46 -18.41 5.77
C GLN C 127 22.99 -18.73 5.98
N ALA C 128 22.72 -19.85 6.63
CA ALA C 128 21.37 -20.23 7.01
C ALA C 128 21.10 -19.80 8.44
N VAL C 129 19.96 -19.14 8.66
CA VAL C 129 19.64 -18.57 9.96
C VAL C 129 18.26 -18.99 10.43
N LEU C 130 18.16 -19.41 11.68
CA LEU C 130 16.87 -19.80 12.26
C LEU C 130 16.64 -19.03 13.56
N THR C 131 15.50 -18.35 13.62
CA THR C 131 15.15 -17.50 14.76
C THR C 131 13.79 -17.89 15.30
N ILE C 132 13.58 -17.69 16.59
CA ILE C 132 12.28 -17.95 17.19
C ILE C 132 11.35 -16.75 16.94
N ARG C 133 10.08 -17.05 16.66
CA ARG C 133 9.06 -16.01 16.56
C ARG C 133 7.77 -16.52 17.18
N GLY C 134 7.52 -16.11 18.42
CA GLY C 134 6.40 -16.62 19.18
C GLY C 134 6.48 -18.13 19.30
N GLY C 135 5.40 -18.81 18.91
CA GLY C 135 5.36 -20.25 18.92
C GLY C 135 5.85 -20.88 17.63
N GLU C 136 6.39 -20.04 16.74
CA GLU C 136 6.91 -20.51 15.46
C GLU C 136 8.41 -20.24 15.34
N SER C 137 8.99 -20.64 14.22
CA SER C 137 10.37 -20.29 13.90
C SER C 137 10.40 -19.63 12.53
N VAL C 138 11.41 -18.79 12.31
CA VAL C 138 11.59 -18.12 11.03
C VAL C 138 12.93 -18.50 10.45
N PHE C 139 12.91 -19.17 9.30
CA PHE C 139 14.13 -19.57 8.62
C PHE C 139 14.46 -18.62 7.49
N LYS C 140 15.72 -18.24 7.39
CA LYS C 140 16.16 -17.44 6.27
C LYS C 140 17.55 -17.83 5.82
N ILE C 141 17.83 -17.57 4.55
CA ILE C 141 19.16 -17.69 4.00
C ILE C 141 19.58 -16.29 3.56
N VAL C 142 20.73 -15.85 4.07
CA VAL C 142 21.23 -14.51 3.79
C VAL C 142 22.58 -14.57 3.08
N GLU C 143 22.81 -13.58 2.23
CA GLU C 143 24.11 -13.35 1.61
C GLU C 143 24.82 -12.22 2.33
N ILE C 144 25.99 -12.52 2.88
CA ILE C 144 26.78 -11.53 3.59
C ILE C 144 27.62 -10.71 2.62
N ASN C 145 27.20 -9.49 2.32
CA ASN C 145 27.97 -8.64 1.43
C ASN C 145 28.83 -7.68 2.26
N ASP C 146 29.18 -6.54 1.68
CA ASP C 146 30.12 -5.62 2.32
C ASP C 146 29.57 -4.93 3.56
N TRP C 147 28.24 -4.90 3.72
CA TRP C 147 27.64 -4.09 4.78
C TRP C 147 26.40 -4.67 5.45
N LYS C 148 25.85 -5.76 4.94
CA LYS C 148 24.68 -6.34 5.58
C LYS C 148 24.39 -7.78 5.19
N GLN C 149 23.47 -8.38 5.94
CA GLN C 149 22.94 -9.69 5.63
C GLN C 149 21.76 -9.52 4.70
N LEU C 150 21.97 -9.85 3.43
CA LEU C 150 20.93 -9.71 2.41
C LEU C 150 20.09 -10.98 2.34
N PRO C 151 18.81 -10.90 2.77
CA PRO C 151 18.01 -12.12 2.74
C PRO C 151 17.62 -12.54 1.33
N HIS C 152 17.92 -13.78 0.97
CA HIS C 152 17.51 -14.33 -0.31
C HIS C 152 16.17 -15.06 -0.18
N ILE C 153 15.84 -15.48 1.04
CA ILE C 153 14.57 -16.12 1.30
C ILE C 153 14.27 -16.08 2.79
N THR C 154 12.99 -15.88 3.11
CA THR C 154 12.52 -15.89 4.49
C THR C 154 11.27 -16.75 4.53
N LEU C 155 11.25 -17.73 5.43
CA LEU C 155 10.15 -18.69 5.52
C LEU C 155 9.73 -18.96 6.97
N ALA C 156 8.42 -19.07 7.19
CA ALA C 156 7.88 -19.36 8.50
C ALA C 156 7.63 -20.86 8.68
N PHE C 157 8.18 -21.42 9.75
CA PHE C 157 8.03 -22.84 10.05
C PHE C 157 7.22 -23.06 11.31
N ARG C 158 6.41 -24.11 11.29
CA ARG C 158 5.56 -24.47 12.42
C ARG C 158 6.15 -25.71 13.12
N PRO C 159 6.37 -25.63 14.44
CA PRO C 159 6.83 -26.83 15.14
C PRO C 159 5.84 -27.97 15.02
N GLY C 160 6.35 -29.20 14.92
CA GLY C 160 5.53 -30.36 14.71
C GLY C 160 5.72 -30.91 13.31
N ASN C 161 4.84 -31.82 12.92
CA ASN C 161 4.93 -32.49 11.63
C ASN C 161 4.21 -31.70 10.54
N LEU D 20 -8.41 35.16 -19.13
CA LEU D 20 -9.65 34.79 -19.81
C LEU D 20 -10.29 36.00 -20.46
N SER D 21 -10.50 35.92 -21.78
CA SER D 21 -11.06 37.02 -22.55
C SER D 21 -12.58 36.91 -22.68
N THR D 22 -13.04 35.97 -23.50
CA THR D 22 -14.47 35.73 -23.69
C THR D 22 -15.03 34.93 -22.52
N ALA D 23 -14.90 35.47 -21.30
CA ALA D 23 -15.22 34.74 -20.09
C ALA D 23 -16.68 34.91 -19.67
N THR D 24 -17.33 33.79 -19.36
CA THR D 24 -18.70 33.80 -18.87
C THR D 24 -18.76 33.30 -17.44
N THR D 25 -19.38 34.10 -16.56
CA THR D 25 -19.61 33.69 -15.18
C THR D 25 -20.90 32.88 -15.09
N LEU D 26 -20.79 31.69 -14.50
CA LEU D 26 -21.91 30.75 -14.42
C LEU D 26 -22.55 30.75 -13.04
N PHE D 27 -21.84 31.32 -12.07
CA PHE D 27 -22.22 31.17 -10.67
C PHE D 27 -21.38 32.14 -9.86
N TRP D 28 -22.03 32.96 -9.04
CA TRP D 28 -21.30 33.93 -8.23
C TRP D 28 -22.14 34.34 -7.01
N ARG D 29 -22.00 33.57 -5.93
CA ARG D 29 -22.81 33.77 -4.72
C ARG D 29 -22.17 33.10 -3.50
N PRO D 30 -22.66 33.43 -2.30
CA PRO D 30 -22.15 32.78 -1.09
C PRO D 30 -22.55 31.32 -0.99
N VAL D 31 -21.69 30.52 -0.35
CA VAL D 31 -21.96 29.10 -0.10
C VAL D 31 -21.44 28.72 1.28
N PRO D 32 -22.24 27.99 2.08
CA PRO D 32 -21.73 27.54 3.38
C PRO D 32 -20.57 26.55 3.24
N VAL D 33 -19.43 26.83 3.88
CA VAL D 33 -18.24 25.98 3.78
C VAL D 33 -17.61 25.73 5.14
N HIS D 34 -17.12 24.50 5.35
CA HIS D 34 -16.38 24.14 6.55
C HIS D 34 -14.90 24.29 6.31
N VAL D 35 -14.29 25.29 6.94
CA VAL D 35 -12.88 25.59 6.73
C VAL D 35 -12.02 24.87 7.76
N LYS D 36 -10.97 24.20 7.28
CA LYS D 36 -10.04 23.49 8.15
C LYS D 36 -8.63 24.06 8.01
N GLN D 37 -8.11 24.63 9.09
CA GLN D 37 -6.75 25.15 9.13
C GLN D 37 -5.90 24.36 10.12
N GLN D 38 -4.59 24.39 9.92
CA GLN D 38 -3.66 23.58 10.70
C GLN D 38 -3.77 23.86 12.19
N ASP D 39 -3.26 25.00 12.62
CA ASP D 39 -3.34 25.40 14.03
C ASP D 39 -4.52 26.34 14.25
N ARG D 40 -5.72 25.79 14.12
CA ARG D 40 -6.95 26.53 14.38
C ARG D 40 -8.13 25.57 14.43
N GLU D 41 -9.28 26.07 14.85
CA GLU D 41 -10.48 25.24 14.96
C GLU D 41 -11.29 25.28 13.68
N ASP D 42 -12.01 24.19 13.41
CA ASP D 42 -12.92 24.14 12.27
C ASP D 42 -14.00 25.21 12.43
N VAL D 43 -14.43 25.77 11.31
CA VAL D 43 -15.44 26.84 11.34
C VAL D 43 -16.32 26.81 10.10
N LEU D 44 -17.62 26.95 10.31
CA LEU D 44 -18.59 27.04 9.22
C LEU D 44 -18.73 28.49 8.77
N GLU D 45 -18.14 28.82 7.62
CA GLU D 45 -18.16 30.17 7.08
C GLU D 45 -18.94 30.26 5.77
N GLU D 46 -19.57 31.41 5.56
CA GLU D 46 -20.11 31.77 4.25
C GLU D 46 -18.98 32.29 3.38
N LEU D 47 -18.60 31.51 2.37
CA LEU D 47 -17.58 31.93 1.42
C LEU D 47 -18.20 32.18 0.05
N THR D 48 -17.70 33.17 -0.67
CA THR D 48 -18.23 33.49 -1.98
C THR D 48 -17.50 32.66 -3.05
N PHE D 49 -18.28 31.99 -3.88
CA PHE D 49 -17.76 31.19 -4.99
C PHE D 49 -18.05 31.85 -6.31
N ARG D 50 -17.04 31.99 -7.16
CA ARG D 50 -17.25 32.44 -8.53
C ARG D 50 -16.72 31.38 -9.50
N ILE D 51 -17.58 30.95 -10.41
CA ILE D 51 -17.23 29.94 -11.40
C ILE D 51 -17.33 30.54 -12.81
N LEU D 52 -16.22 30.52 -13.54
CA LEU D 52 -16.15 31.08 -14.88
C LEU D 52 -15.66 30.06 -15.90
N THR D 53 -16.09 30.24 -17.14
CA THR D 53 -15.56 29.47 -18.26
C THR D 53 -15.14 30.43 -19.36
N GLY D 54 -14.09 30.07 -20.09
CA GLY D 54 -13.60 30.91 -21.18
C GLY D 54 -12.42 30.29 -21.89
N VAL D 55 -11.64 31.13 -22.56
CA VAL D 55 -10.44 30.69 -23.26
C VAL D 55 -9.23 31.52 -22.80
N ALA D 56 -8.08 30.87 -22.72
CA ALA D 56 -6.85 31.54 -22.31
C ALA D 56 -5.95 31.81 -23.51
N LYS D 57 -5.82 33.09 -23.86
CA LYS D 57 -4.91 33.49 -24.92
C LYS D 57 -3.48 33.14 -24.55
N GLN D 58 -3.22 33.11 -23.24
CA GLN D 58 -1.90 32.79 -22.72
C GLN D 58 -1.55 31.32 -22.91
N ASN D 59 -2.57 30.49 -23.12
CA ASN D 59 -2.37 29.05 -23.21
C ASN D 59 -3.03 28.43 -24.44
N HIS D 60 -2.58 28.87 -25.62
CA HIS D 60 -3.00 28.27 -26.88
C HIS D 60 -4.51 28.28 -27.10
N ASN D 61 -5.20 29.25 -26.52
CA ASN D 61 -6.65 29.37 -26.65
C ASN D 61 -7.38 28.09 -26.23
N LEU D 62 -6.85 27.41 -25.22
CA LEU D 62 -7.54 26.26 -24.64
C LEU D 62 -8.73 26.76 -23.83
N ARG D 63 -9.79 25.96 -23.78
CA ARG D 63 -10.93 26.26 -22.91
C ARG D 63 -10.52 26.04 -21.46
N ILE D 64 -10.91 26.98 -20.60
CA ILE D 64 -10.52 26.97 -19.20
C ILE D 64 -11.75 27.06 -18.30
N LEU D 65 -11.68 26.34 -17.18
CA LEU D 65 -12.64 26.49 -16.09
C LEU D 65 -11.92 27.15 -14.91
N ARG D 66 -12.45 28.27 -14.46
CA ARG D 66 -11.86 29.01 -13.34
C ARG D 66 -12.81 29.08 -12.16
N ILE D 67 -12.30 28.73 -10.97
CA ILE D 67 -13.08 28.85 -9.74
C ILE D 67 -12.33 29.70 -8.73
N HIS D 68 -13.03 30.68 -8.16
CA HIS D 68 -12.43 31.59 -7.19
C HIS D 68 -13.25 31.64 -5.91
N ILE D 69 -12.57 31.40 -4.79
CA ILE D 69 -13.19 31.43 -3.47
C ILE D 69 -12.73 32.68 -2.71
N SER D 70 -13.67 33.38 -2.08
CA SER D 70 -13.34 34.59 -1.33
C SER D 70 -14.26 34.75 -0.13
N SER D 71 -14.00 35.80 0.65
CA SER D 71 -14.81 36.10 1.84
C SER D 71 -15.13 37.59 1.91
N ASP D 72 -16.38 37.90 2.23
CA ASP D 72 -16.81 39.29 2.34
C ASP D 72 -16.39 39.94 3.65
N SER D 73 -15.76 39.16 4.54
CA SER D 73 -15.35 39.67 5.85
C SER D 73 -13.82 39.72 5.99
N ASP D 74 -13.12 39.04 5.08
CA ASP D 74 -11.65 39.02 5.07
C ASP D 74 -11.11 39.28 3.67
N LEU D 75 -10.50 40.45 3.49
CA LEU D 75 -10.00 40.89 2.18
C LEU D 75 -9.02 39.90 1.55
N PHE D 76 -8.21 39.25 2.39
CA PHE D 76 -7.08 38.45 1.90
C PHE D 76 -7.39 36.97 1.76
N PHE D 77 -8.54 36.55 2.28
CA PHE D 77 -8.94 35.15 2.16
C PHE D 77 -9.32 34.88 0.72
N LEU D 78 -8.37 34.36 -0.05
CA LEU D 78 -8.53 34.20 -1.50
C LEU D 78 -7.94 32.89 -1.96
N HIS D 79 -8.69 32.14 -2.76
CA HIS D 79 -8.22 30.87 -3.31
C HIS D 79 -8.72 30.69 -4.73
N THR D 80 -7.84 30.22 -5.61
CA THR D 80 -8.16 30.16 -7.04
C THR D 80 -7.73 28.83 -7.67
N LEU D 81 -8.56 28.34 -8.58
CA LEU D 81 -8.30 27.13 -9.35
C LEU D 81 -8.56 27.40 -10.82
N GLU D 82 -7.66 26.93 -11.68
CA GLU D 82 -7.89 26.93 -13.11
C GLU D 82 -7.64 25.54 -13.70
N VAL D 83 -8.66 25.02 -14.39
CA VAL D 83 -8.57 23.74 -15.06
C VAL D 83 -8.76 23.92 -16.56
N SER D 84 -7.75 23.55 -17.34
CA SER D 84 -7.87 23.58 -18.79
C SER D 84 -8.47 22.27 -19.28
N GLU D 85 -8.95 22.27 -20.53
CA GLU D 85 -9.52 21.07 -21.13
C GLU D 85 -8.49 19.96 -21.23
N GLU D 86 -7.22 20.31 -21.29
CA GLU D 86 -6.15 19.31 -21.28
C GLU D 86 -6.03 18.67 -19.90
N ASP D 87 -6.07 19.50 -18.85
CA ASP D 87 -5.98 19.02 -17.48
C ASP D 87 -7.14 18.10 -17.12
N PHE D 88 -8.29 18.33 -17.73
CA PHE D 88 -9.51 17.60 -17.39
C PHE D 88 -9.40 16.10 -17.69
N GLN D 89 -8.53 15.75 -18.63
CA GLN D 89 -8.35 14.35 -19.03
C GLN D 89 -7.84 13.51 -17.87
N SER D 90 -6.85 14.01 -17.15
CA SER D 90 -6.32 13.31 -15.99
C SER D 90 -7.28 13.40 -14.81
N LEU D 91 -7.94 14.55 -14.65
CA LEU D 91 -8.87 14.77 -13.56
C LEU D 91 -10.09 13.85 -13.69
N LYS D 92 -10.54 13.68 -14.93
CA LYS D 92 -11.69 12.83 -15.23
C LYS D 92 -11.45 11.39 -14.78
N ASN D 93 -10.23 10.91 -14.96
CA ASN D 93 -9.88 9.55 -14.58
C ASN D 93 -9.74 9.38 -13.07
N ASP D 94 -9.10 10.36 -12.42
CA ASP D 94 -8.88 10.32 -10.98
C ASP D 94 -10.19 10.43 -10.21
N GLU D 95 -11.15 11.17 -10.77
CA GLU D 95 -12.41 11.46 -10.11
C GLU D 95 -13.56 10.62 -10.65
N GLY D 96 -13.26 9.75 -11.60
CA GLY D 96 -14.27 8.88 -12.19
C GLY D 96 -15.43 9.66 -12.80
N ILE D 97 -15.13 10.79 -13.41
CA ILE D 97 -16.16 11.63 -14.03
C ILE D 97 -16.58 11.03 -15.38
N LEU D 98 -17.88 11.01 -15.63
CA LEU D 98 -18.43 10.32 -16.80
C LEU D 98 -18.96 11.27 -17.87
N VAL D 99 -18.85 12.58 -17.63
CA VAL D 99 -19.30 13.58 -18.60
C VAL D 99 -18.11 14.34 -19.16
N ASP D 100 -18.35 15.11 -20.24
CA ASP D 100 -17.28 15.85 -20.89
C ASP D 100 -16.95 17.15 -20.15
N PHE D 101 -15.93 17.83 -20.64
CA PHE D 101 -15.44 19.05 -20.01
C PHE D 101 -16.52 20.13 -19.98
N ALA D 102 -17.28 20.25 -21.06
CA ALA D 102 -18.32 21.28 -21.16
C ALA D 102 -19.41 21.10 -20.11
N SER D 103 -19.68 19.85 -19.74
CA SER D 103 -20.76 19.55 -18.79
C SER D 103 -20.30 19.58 -17.34
N PHE D 104 -18.99 19.71 -17.13
CA PHE D 104 -18.39 19.59 -15.80
C PHE D 104 -18.81 20.73 -14.84
N PRO D 105 -18.69 22.00 -15.28
CA PRO D 105 -19.07 23.09 -14.38
C PRO D 105 -20.51 22.97 -13.87
N GLY D 106 -21.42 22.54 -14.74
CA GLY D 106 -22.81 22.39 -14.36
C GLY D 106 -23.02 21.39 -13.25
N LYS D 107 -22.18 20.35 -13.24
CA LYS D 107 -22.27 19.34 -12.20
C LYS D 107 -21.72 19.89 -10.89
N ILE D 108 -20.66 20.69 -10.97
CA ILE D 108 -20.10 21.32 -9.79
C ILE D 108 -21.14 22.25 -9.16
N ILE D 109 -21.77 23.07 -10.01
CA ILE D 109 -22.81 23.98 -9.57
C ILE D 109 -23.96 23.23 -8.91
N SER D 110 -24.35 22.11 -9.51
CA SER D 110 -25.40 21.28 -8.97
C SER D 110 -25.03 20.80 -7.56
N LEU D 111 -23.77 20.43 -7.37
CA LEU D 111 -23.29 20.01 -6.05
C LEU D 111 -23.29 21.17 -5.06
N LEU D 112 -22.91 22.36 -5.52
CA LEU D 112 -22.88 23.53 -4.65
C LEU D 112 -24.27 23.88 -4.15
N GLU D 113 -25.27 23.72 -5.02
N GLU D 113 -25.27 23.72 -5.02
CA GLU D 113 -26.64 24.02 -4.65
CA GLU D 113 -26.66 24.02 -4.66
C GLU D 113 -27.13 23.11 -3.52
C GLU D 113 -27.11 23.12 -3.51
N LYS D 114 -26.70 21.86 -3.55
CA LYS D 114 -27.05 20.91 -2.49
C LYS D 114 -26.43 21.32 -1.17
N CYS D 115 -25.21 21.85 -1.21
CA CYS D 115 -24.55 22.34 -0.01
C CYS D 115 -25.31 23.54 0.54
N ILE D 116 -25.79 24.39 -0.36
CA ILE D 116 -26.53 25.59 0.02
C ILE D 116 -27.84 25.22 0.70
N LEU D 117 -28.55 24.25 0.13
CA LEU D 117 -29.88 23.89 0.60
C LEU D 117 -29.86 22.91 1.77
N ALA D 118 -28.69 22.37 2.09
CA ALA D 118 -28.55 21.38 3.15
C ALA D 118 -28.95 21.94 4.52
N GLN D 119 -29.30 21.04 5.44
CA GLN D 119 -29.65 21.39 6.81
C GLN D 119 -28.79 20.57 7.78
N PRO D 120 -28.62 21.08 9.01
CA PRO D 120 -27.70 20.43 9.95
C PRO D 120 -28.13 19.03 10.40
N GLY D 121 -29.42 18.73 10.28
CA GLY D 121 -29.95 17.45 10.73
C GLY D 121 -30.19 16.44 9.61
N ASP D 122 -29.73 16.77 8.40
CA ASP D 122 -29.97 15.91 7.25
C ASP D 122 -29.17 14.61 7.34
N SER D 123 -29.62 13.61 6.59
CA SER D 123 -28.97 12.30 6.55
C SER D 123 -29.36 11.55 5.28
N PRO D 124 -28.46 11.48 4.29
CA PRO D 124 -27.10 12.04 4.27
C PRO D 124 -27.08 13.55 4.15
N ARG D 125 -25.93 14.15 4.35
CA ARG D 125 -25.76 15.60 4.25
C ARG D 125 -24.68 15.96 3.24
N PHE D 126 -25.02 16.80 2.27
CA PHE D 126 -24.03 17.34 1.35
C PHE D 126 -23.34 18.52 2.03
N GLN D 127 -22.01 18.55 1.94
CA GLN D 127 -21.21 19.49 2.70
C GLN D 127 -19.97 19.94 1.94
N ALA D 128 -19.74 21.24 1.91
CA ALA D 128 -18.55 21.81 1.29
C ALA D 128 -17.45 21.94 2.33
N VAL D 129 -16.24 21.55 1.96
CA VAL D 129 -15.10 21.55 2.88
C VAL D 129 -13.86 22.13 2.20
N LEU D 130 -13.23 23.09 2.87
CA LEU D 130 -11.98 23.67 2.40
C LEU D 130 -10.88 23.50 3.43
N THR D 131 -9.95 22.60 3.13
CA THR D 131 -8.84 22.30 4.04
C THR D 131 -7.58 23.05 3.62
N ILE D 132 -7.17 24.00 4.46
CA ILE D 132 -5.97 24.78 4.20
C ILE D 132 -4.75 24.08 4.82
N ARG D 133 -3.67 24.00 4.06
CA ARG D 133 -2.46 23.32 4.51
C ARG D 133 -1.22 23.90 3.85
N GLY D 134 -0.26 24.32 4.68
CA GLY D 134 0.99 24.87 4.19
C GLY D 134 0.83 26.10 3.33
N GLY D 135 -0.36 26.70 3.37
CA GLY D 135 -0.68 27.86 2.55
C GLY D 135 -1.78 27.57 1.56
N GLU D 136 -1.57 26.59 0.69
CA GLU D 136 -2.57 26.23 -0.30
C GLU D 136 -3.66 25.38 0.33
N SER D 137 -4.63 24.96 -0.47
CA SER D 137 -5.82 24.31 0.06
C SER D 137 -6.41 23.25 -0.86
N VAL D 138 -7.24 22.40 -0.26
CA VAL D 138 -7.96 21.36 -0.98
C VAL D 138 -9.44 21.55 -0.73
N PHE D 139 -10.20 21.75 -1.79
CA PHE D 139 -11.65 21.89 -1.68
C PHE D 139 -12.35 20.62 -2.11
N LYS D 140 -13.41 20.26 -1.40
CA LYS D 140 -14.18 19.10 -1.75
C LYS D 140 -15.62 19.25 -1.32
N ILE D 141 -16.51 18.56 -2.04
CA ILE D 141 -17.91 18.46 -1.67
C ILE D 141 -18.16 16.99 -1.34
N VAL D 142 -18.55 16.72 -0.10
CA VAL D 142 -18.76 15.36 0.35
C VAL D 142 -20.23 15.09 0.64
N GLU D 143 -20.62 13.84 0.45
CA GLU D 143 -21.90 13.35 0.93
C GLU D 143 -21.61 12.52 2.18
N ILE D 144 -22.03 13.03 3.34
CA ILE D 144 -21.75 12.37 4.61
C ILE D 144 -22.95 11.55 5.05
N ASN D 145 -22.73 10.26 5.27
CA ASN D 145 -23.75 9.38 5.82
C ASN D 145 -23.36 8.94 7.23
N ASP D 146 -23.74 7.73 7.61
CA ASP D 146 -23.57 7.26 8.97
C ASP D 146 -22.14 6.83 9.31
N TRP D 147 -21.28 6.65 8.31
CA TRP D 147 -19.97 6.05 8.55
C TRP D 147 -18.86 6.48 7.62
N LYS D 148 -19.17 7.28 6.60
CA LYS D 148 -18.16 7.64 5.61
C LYS D 148 -18.38 8.97 4.91
N GLN D 149 -17.28 9.64 4.60
CA GLN D 149 -17.29 10.81 3.74
C GLN D 149 -17.16 10.38 2.28
N LEU D 150 -18.23 10.56 1.52
CA LEU D 150 -18.23 10.25 0.09
C LEU D 150 -17.88 11.49 -0.73
N PRO D 151 -16.62 11.58 -1.21
CA PRO D 151 -16.26 12.78 -1.97
C PRO D 151 -16.81 12.75 -3.39
N HIS D 152 -17.72 13.67 -3.70
CA HIS D 152 -18.25 13.77 -5.05
C HIS D 152 -17.27 14.49 -5.96
N ILE D 153 -16.55 15.45 -5.40
CA ILE D 153 -15.50 16.15 -6.14
C ILE D 153 -14.40 16.62 -5.20
N THR D 154 -13.16 16.54 -5.66
CA THR D 154 -12.02 17.03 -4.91
C THR D 154 -11.12 17.87 -5.83
N LEU D 155 -10.78 19.07 -5.37
CA LEU D 155 -10.04 20.02 -6.19
C LEU D 155 -9.03 20.80 -5.36
N ALA D 156 -7.84 21.03 -5.94
CA ALA D 156 -6.78 21.77 -5.24
C ALA D 156 -6.74 23.23 -5.69
N PHE D 157 -6.68 24.13 -4.72
CA PHE D 157 -6.70 25.56 -4.97
C PHE D 157 -5.37 26.24 -4.61
N ARG D 158 -5.07 27.35 -5.28
CA ARG D 158 -3.86 28.13 -5.01
C ARG D 158 -4.23 29.43 -4.28
N PRO D 159 -3.37 29.88 -3.36
CA PRO D 159 -3.70 31.13 -2.65
C PRO D 159 -3.74 32.34 -3.58
N GLY D 160 -4.61 33.30 -3.28
CA GLY D 160 -4.68 34.53 -4.04
C GLY D 160 -5.63 34.48 -5.22
N ASN D 161 -5.50 35.46 -6.11
CA ASN D 161 -6.33 35.54 -7.30
C ASN D 161 -5.61 34.94 -8.51
#